data_3RWI
#
_entry.id   3RWI
#
_cell.length_a   68.456
_cell.length_b   45.051
_cell.length_c   82.057
_cell.angle_alpha   90.00
_cell.angle_beta   95.99
_cell.angle_gamma   90.00
#
_symmetry.space_group_name_H-M   'P 1 2 1'
#
loop_
_entity.id
_entity.type
_entity.pdbx_description
1 polymer 'Major histocompatibility complex class I'
2 polymer Beta-2-microglobulin
3 polymer 'Vif GW10 peptide from Virion infectivity factor'
4 water water
#
loop_
_entity_poly.entity_id
_entity_poly.type
_entity_poly.pdbx_seq_one_letter_code
_entity_poly.pdbx_strand_id
1 'polypeptide(L)'
;GSHSMKYFYTSVSRPGRGEPRFISVGYVDDTQFVRFDSDAESPREEPRAPWVEQEGPEYWEEATRRAKEAAQTHRENLRT
ALRYYNQSEAGSHTIQKMYGCDLGPDGRLLRGYHQSAYDGKDYIALNGDLRSWTAADMAAQNTQRKWEGNRYAERFRAYL
EGECLEWLRRYLENGKETLQRADPPKTHVTHHPVSDHEATLRCWALGFYPAEITLTWQRDGEEQTQDTEFVETRPGGDGT
FQKWGAVVVPSGEEQRYTCHVQHEGLPEPLTLRWEP
;
A
2 'polypeptide(L)'
;IQRTPKIQVYSRHPPENGKPNFLNCYVSGFHPSDIEVDLLKNGEKMGKVEHSDLSFSKDWSFYLLYYTEFTPNEKDEYAC
RVNHVTLSGPRTVKWDRDM
;
B
3 'polypeptide(L)' GSHLEVQGYW C
#
# COMPACT_ATOMS: atom_id res chain seq x y z
N GLY A 1 -14.72 11.47 -13.54
CA GLY A 1 -13.64 10.59 -13.11
C GLY A 1 -14.12 9.35 -12.41
N SER A 2 -13.26 8.33 -12.37
CA SER A 2 -13.56 7.06 -11.73
C SER A 2 -12.98 7.03 -10.31
N HIS A 3 -13.70 6.44 -9.37
CA HIS A 3 -13.16 6.35 -8.00
C HIS A 3 -13.33 4.96 -7.40
N SER A 4 -12.63 4.69 -6.29
CA SER A 4 -12.69 3.38 -5.70
C SER A 4 -12.78 3.43 -4.18
N MET A 5 -13.48 2.46 -3.60
CA MET A 5 -13.39 2.24 -2.17
C MET A 5 -13.00 0.79 -1.93
N LYS A 6 -11.99 0.59 -1.10
CA LYS A 6 -11.50 -0.76 -0.83
C LYS A 6 -11.17 -0.95 0.64
N TYR A 7 -11.46 -2.14 1.16
CA TYR A 7 -11.00 -2.54 2.47
C TYR A 7 -9.99 -3.67 2.36
N PHE A 8 -8.97 -3.57 3.22
CA PHE A 8 -7.90 -4.56 3.30
C PHE A 8 -7.86 -5.12 4.72
N TYR A 9 -8.21 -6.40 4.85
CA TYR A 9 -8.21 -7.09 6.13
C TYR A 9 -7.04 -8.06 6.16
N THR A 10 -6.32 -8.08 7.28
CA THR A 10 -5.24 -9.03 7.48
C THR A 10 -5.43 -9.69 8.83
N SER A 11 -5.48 -11.02 8.87
CA SER A 11 -5.50 -11.75 10.13
C SER A 11 -4.30 -12.68 10.24
N VAL A 12 -3.64 -12.67 11.39
CA VAL A 12 -2.46 -13.50 11.60
C VAL A 12 -2.59 -14.26 12.89
N SER A 13 -2.59 -15.58 12.83
CA SER A 13 -2.67 -16.36 14.05
C SER A 13 -1.31 -16.35 14.74
N ARG A 14 -1.33 -16.50 16.05
CA ARG A 14 -0.10 -16.50 16.83
C ARG A 14 -0.23 -17.45 18.01
N PRO A 15 -0.09 -18.76 17.73
CA PRO A 15 -0.24 -19.82 18.74
C PRO A 15 0.55 -19.48 20.00
N GLY A 16 -0.07 -19.71 21.15
CA GLY A 16 0.58 -19.42 22.42
C GLY A 16 0.44 -17.97 22.86
N ARG A 17 -0.13 -17.13 22.00
CA ARG A 17 -0.27 -15.71 22.31
C ARG A 17 -1.70 -15.19 22.16
N GLY A 18 -2.67 -16.09 22.30
CA GLY A 18 -4.08 -15.70 22.28
C GLY A 18 -4.67 -15.66 20.89
N GLU A 19 -5.69 -14.81 20.72
CA GLU A 19 -6.43 -14.75 19.47
C GLU A 19 -5.60 -14.16 18.34
N PRO A 20 -5.92 -14.53 17.09
CA PRO A 20 -5.25 -13.93 15.93
C PRO A 20 -5.38 -12.41 15.93
N ARG A 21 -4.35 -11.74 15.41
CA ARG A 21 -4.41 -10.29 15.28
C ARG A 21 -5.13 -9.93 14.00
N PHE A 22 -6.10 -9.01 14.11
CA PHE A 22 -6.87 -8.55 12.96
C PHE A 22 -6.60 -7.08 12.72
N ILE A 23 -6.27 -6.74 11.47
CA ILE A 23 -6.08 -5.34 11.08
C ILE A 23 -6.92 -5.04 9.85
N SER A 24 -7.70 -3.96 9.92
CA SER A 24 -8.46 -3.51 8.76
C SER A 24 -8.09 -2.09 8.41
N VAL A 25 -7.83 -1.84 7.13
CA VAL A 25 -7.64 -0.47 6.68
C VAL A 25 -8.55 -0.18 5.50
N GLY A 26 -9.16 1.00 5.49
CA GLY A 26 -10.05 1.38 4.41
C GLY A 26 -9.47 2.52 3.60
N TYR A 27 -9.67 2.47 2.29
CA TYR A 27 -9.15 3.46 1.37
C TYR A 27 -10.23 3.96 0.44
N VAL A 28 -10.25 5.27 0.19
CA VAL A 28 -10.93 5.82 -0.97
C VAL A 28 -9.83 6.23 -1.93
N ASP A 29 -9.84 5.67 -3.13
CA ASP A 29 -8.71 5.82 -4.04
C ASP A 29 -7.41 5.51 -3.29
N ASP A 30 -6.48 6.44 -3.28
CA ASP A 30 -5.19 6.19 -2.62
C ASP A 30 -5.08 6.84 -1.25
N THR A 31 -6.23 7.19 -0.67
CA THR A 31 -6.28 7.85 0.62
C THR A 31 -6.90 6.96 1.70
N GLN A 32 -6.10 6.62 2.72
CA GLN A 32 -6.60 5.83 3.84
C GLN A 32 -7.53 6.70 4.68
N PHE A 33 -8.68 6.17 5.07
CA PHE A 33 -9.61 6.95 5.88
C PHE A 33 -9.98 6.32 7.23
N VAL A 34 -9.76 5.02 7.37
CA VAL A 34 -10.03 4.35 8.65
C VAL A 34 -9.04 3.24 8.94
N ARG A 35 -8.92 2.90 10.22
CA ARG A 35 -8.14 1.74 10.63
C ARG A 35 -8.79 1.10 11.84
N PHE A 36 -8.69 -0.23 11.91
CA PHE A 36 -9.04 -0.97 13.11
C PHE A 36 -7.92 -1.99 13.35
N ASP A 37 -7.45 -2.07 14.59
CA ASP A 37 -6.40 -3.01 14.95
C ASP A 37 -6.78 -3.68 16.27
N SER A 38 -6.96 -5.00 16.24
CA SER A 38 -7.39 -5.73 17.42
C SER A 38 -6.37 -5.64 18.57
N ASP A 39 -5.14 -5.24 18.25
CA ASP A 39 -4.11 -5.05 19.28
C ASP A 39 -3.98 -3.61 19.78
N ALA A 40 -4.81 -2.71 19.24
CA ALA A 40 -4.87 -1.34 19.75
C ALA A 40 -5.24 -1.41 21.24
N GLU A 41 -4.92 -0.36 21.98
CA GLU A 41 -5.22 -0.37 23.43
C GLU A 41 -6.71 -0.43 23.71
N SER A 42 -7.50 0.21 22.85
CA SER A 42 -8.95 0.11 22.90
CA SER A 42 -8.95 0.11 22.90
C SER A 42 -9.51 -0.07 21.51
N PRO A 43 -9.47 -1.30 20.98
CA PRO A 43 -9.85 -1.59 19.60
C PRO A 43 -11.19 -0.98 19.18
N ARG A 44 -11.12 -0.08 18.20
CA ARG A 44 -12.31 0.54 17.62
C ARG A 44 -11.90 1.06 16.25
N GLU A 45 -12.89 1.23 15.37
CA GLU A 45 -12.62 1.87 14.10
C GLU A 45 -12.18 3.30 14.40
N GLU A 46 -11.08 3.75 13.81
CA GLU A 46 -10.58 5.09 14.03
C GLU A 46 -10.44 5.86 12.73
N PRO A 47 -10.73 7.17 12.76
CA PRO A 47 -10.59 8.02 11.58
C PRO A 47 -9.13 8.24 11.24
N ARG A 48 -8.83 8.31 9.96
CA ARG A 48 -7.48 8.57 9.48
C ARG A 48 -7.51 9.65 8.42
N ALA A 49 -8.69 10.23 8.23
CA ALA A 49 -8.88 11.34 7.30
C ALA A 49 -9.89 12.32 7.90
N PRO A 50 -9.64 13.62 7.73
CA PRO A 50 -10.52 14.64 8.33
C PRO A 50 -11.96 14.57 7.82
N TRP A 51 -12.13 14.19 6.56
CA TRP A 51 -13.47 14.15 5.98
C TRP A 51 -14.32 12.98 6.46
N VAL A 52 -13.79 12.19 7.39
CA VAL A 52 -14.58 11.14 8.02
C VAL A 52 -14.65 11.32 9.54
N GLU A 53 -13.69 12.05 10.09
CA GLU A 53 -13.66 12.30 11.54
C GLU A 53 -14.99 12.90 12.00
N GLN A 54 -15.67 13.55 11.07
CA GLN A 54 -16.89 14.29 11.38
C GLN A 54 -18.12 13.39 11.56
N GLU A 55 -17.99 12.12 11.17
CA GLU A 55 -19.12 11.20 11.31
C GLU A 55 -19.54 11.05 12.76
N GLY A 56 -20.84 11.01 13.00
CA GLY A 56 -21.39 10.91 14.34
C GLY A 56 -21.12 9.55 14.95
N PRO A 57 -21.50 9.38 16.24
CA PRO A 57 -21.29 8.14 16.99
C PRO A 57 -21.82 6.89 16.28
N GLU A 58 -22.97 6.99 15.62
CA GLU A 58 -23.54 5.86 14.89
C GLU A 58 -22.50 5.18 14.03
N TYR A 59 -21.78 5.99 13.27
CA TYR A 59 -20.81 5.51 12.29
C TYR A 59 -19.71 4.69 12.95
N TRP A 60 -19.18 5.19 14.05
CA TRP A 60 -18.07 4.54 14.75
C TRP A 60 -18.53 3.29 15.50
N GLU A 61 -19.70 3.34 16.09
CA GLU A 61 -20.23 2.16 16.76
C GLU A 61 -20.47 1.05 15.74
N GLU A 62 -21.08 1.38 14.62
CA GLU A 62 -21.41 0.37 13.63
C GLU A 62 -20.17 -0.17 12.92
N ALA A 63 -19.23 0.71 12.58
CA ALA A 63 -17.98 0.30 11.94
C ALA A 63 -17.16 -0.58 12.88
N THR A 64 -17.14 -0.23 14.16
CA THR A 64 -16.47 -1.05 15.15
C THR A 64 -17.10 -2.43 15.23
N ARG A 65 -18.44 -2.47 15.29
CA ARG A 65 -19.16 -3.74 15.27
C ARG A 65 -18.77 -4.59 14.06
N ARG A 66 -18.79 -3.98 12.88
CA ARG A 66 -18.51 -4.73 11.67
C ARG A 66 -17.06 -5.21 11.59
N ALA A 67 -16.13 -4.37 12.03
CA ALA A 67 -14.72 -4.77 12.08
C ALA A 67 -14.54 -5.97 13.00
N LYS A 68 -15.14 -5.90 14.18
CA LYS A 68 -15.07 -7.04 15.12
C LYS A 68 -15.70 -8.31 14.54
N GLU A 69 -16.83 -8.17 13.86
CA GLU A 69 -17.48 -9.33 13.24
C GLU A 69 -16.58 -9.91 12.14
N ALA A 70 -15.93 -9.04 11.38
CA ALA A 70 -15.00 -9.46 10.33
C ALA A 70 -13.83 -10.22 10.93
N ALA A 71 -13.29 -9.71 12.04
CA ALA A 71 -12.24 -10.43 12.77
C ALA A 71 -12.70 -11.82 13.20
N GLN A 72 -13.93 -11.92 13.71
CA GLN A 72 -14.50 -13.22 14.11
C GLN A 72 -14.56 -14.17 12.91
N THR A 73 -15.04 -13.64 11.79
CA THR A 73 -15.14 -14.45 10.58
C THR A 73 -13.76 -14.95 10.16
N HIS A 74 -12.77 -14.08 10.30
CA HIS A 74 -11.40 -14.47 9.96
C HIS A 74 -10.85 -15.54 10.90
N ARG A 75 -11.17 -15.45 12.19
CA ARG A 75 -10.76 -16.50 13.11
C ARG A 75 -11.39 -17.85 12.73
N GLU A 76 -12.69 -17.81 12.43
CA GLU A 76 -13.38 -19.02 11.99
C GLU A 76 -12.75 -19.58 10.71
N ASN A 77 -12.39 -18.70 9.79
CA ASN A 77 -11.78 -19.11 8.53
C ASN A 77 -10.39 -19.70 8.71
N LEU A 78 -9.63 -19.15 9.66
CA LEU A 78 -8.32 -19.70 10.00
C LEU A 78 -8.48 -21.14 10.54
N ARG A 79 -9.43 -21.34 11.46
CA ARG A 79 -9.69 -22.70 11.94
C ARG A 79 -10.05 -23.65 10.78
N THR A 80 -10.99 -23.19 9.96
CA THR A 80 -11.43 -23.97 8.80
C THR A 80 -10.25 -24.35 7.90
N ALA A 81 -9.36 -23.38 7.67
CA ALA A 81 -8.19 -23.61 6.84
C ALA A 81 -7.26 -24.65 7.47
N LEU A 82 -7.10 -24.60 8.78
CA LEU A 82 -6.34 -25.67 9.44
C LEU A 82 -6.94 -27.03 9.09
N ARG A 83 -8.27 -27.12 9.10
CA ARG A 83 -8.92 -28.37 8.69
C ARG A 83 -8.65 -28.74 7.22
N TYR A 84 -8.94 -27.82 6.32
CA TYR A 84 -8.80 -28.04 4.88
C TYR A 84 -7.39 -28.48 4.48
N TYR A 85 -6.38 -27.87 5.09
CA TYR A 85 -4.99 -28.15 4.72
C TYR A 85 -4.29 -29.11 5.68
N ASN A 86 -5.04 -29.66 6.63
CA ASN A 86 -4.49 -30.56 7.63
C ASN A 86 -3.26 -29.97 8.32
N GLN A 87 -3.42 -28.78 8.89
CA GLN A 87 -2.31 -28.09 9.53
C GLN A 87 -2.46 -28.02 11.05
N SER A 88 -1.33 -27.88 11.74
CA SER A 88 -1.29 -27.83 13.19
C SER A 88 -1.68 -26.45 13.71
N GLU A 89 -2.32 -26.44 14.86
CA GLU A 89 -2.70 -25.18 15.51
C GLU A 89 -1.47 -24.48 16.08
N ALA A 90 -0.35 -25.18 16.10
CA ALA A 90 0.87 -24.63 16.68
C ALA A 90 1.66 -23.78 15.69
N GLY A 91 1.24 -23.80 14.43
CA GLY A 91 1.90 -22.99 13.42
C GLY A 91 1.12 -21.72 13.16
N SER A 92 1.82 -20.65 12.78
CA SER A 92 1.20 -19.37 12.47
C SER A 92 0.71 -19.34 11.02
N HIS A 93 -0.46 -18.74 10.79
CA HIS A 93 -1.01 -18.64 9.43
C HIS A 93 -1.64 -17.26 9.19
N THR A 94 -1.80 -16.91 7.93
CA THR A 94 -2.25 -15.58 7.53
C THR A 94 -3.41 -15.65 6.56
N ILE A 95 -4.41 -14.79 6.76
CA ILE A 95 -5.43 -14.58 5.74
C ILE A 95 -5.43 -13.12 5.35
N GLN A 96 -5.41 -12.87 4.04
CA GLN A 96 -5.57 -11.50 3.56
C GLN A 96 -6.81 -11.42 2.68
N LYS A 97 -7.60 -10.38 2.89
CA LYS A 97 -8.83 -10.22 2.11
C LYS A 97 -8.93 -8.78 1.66
N MET A 98 -9.16 -8.56 0.38
CA MET A 98 -9.44 -7.21 -0.11
C MET A 98 -10.78 -7.26 -0.81
N TYR A 99 -11.59 -6.22 -0.59
CA TYR A 99 -12.85 -6.13 -1.32
C TYR A 99 -13.22 -4.67 -1.53
N GLY A 100 -14.06 -4.41 -2.52
CA GLY A 100 -14.47 -3.03 -2.74
C GLY A 100 -15.17 -2.80 -4.06
N CYS A 101 -15.40 -1.51 -4.37
CA CYS A 101 -16.13 -1.14 -5.57
C CYS A 101 -15.50 0.05 -6.27
N ASP A 102 -15.71 0.10 -7.59
CA ASP A 102 -15.32 1.24 -8.41
C ASP A 102 -16.57 1.96 -8.90
N LEU A 103 -16.69 3.24 -8.53
CA LEU A 103 -17.76 4.09 -9.00
C LEU A 103 -17.34 4.74 -10.32
N GLY A 104 -18.10 4.47 -11.37
CA GLY A 104 -17.84 5.02 -12.68
C GLY A 104 -18.33 6.45 -12.79
N PRO A 105 -17.90 7.17 -13.83
CA PRO A 105 -18.30 8.57 -14.02
C PRO A 105 -19.81 8.72 -14.17
N ASP A 106 -20.45 7.68 -14.72
CA ASP A 106 -21.90 7.69 -14.90
C ASP A 106 -22.64 7.47 -13.58
N GLY A 107 -21.90 7.09 -12.55
CA GLY A 107 -22.48 6.90 -11.23
C GLY A 107 -22.92 5.48 -10.93
N ARG A 108 -22.61 4.55 -11.83
CA ARG A 108 -22.94 3.16 -11.60
C ARG A 108 -21.69 2.33 -11.31
N LEU A 109 -21.89 1.10 -10.88
CA LEU A 109 -20.78 0.21 -10.55
C LEU A 109 -19.92 -0.09 -11.78
N LEU A 110 -18.64 0.27 -11.71
CA LEU A 110 -17.71 0.00 -12.80
C LEU A 110 -17.06 -1.38 -12.62
N ARG A 111 -16.71 -1.71 -11.39
CA ARG A 111 -15.96 -2.92 -11.11
C ARG A 111 -16.12 -3.31 -9.65
N GLY A 112 -16.14 -4.61 -9.37
CA GLY A 112 -16.20 -5.09 -8.00
C GLY A 112 -15.01 -5.96 -7.66
N TYR A 113 -14.63 -5.98 -6.39
CA TYR A 113 -13.52 -6.80 -5.91
C TYR A 113 -13.91 -7.57 -4.66
N HIS A 114 -13.50 -8.83 -4.62
CA HIS A 114 -13.59 -9.66 -3.43
C HIS A 114 -12.64 -10.82 -3.59
N GLN A 115 -11.47 -10.73 -2.98
CA GLN A 115 -10.45 -11.74 -3.18
C GLN A 115 -9.63 -11.94 -1.92
N SER A 116 -9.12 -13.15 -1.75
CA SER A 116 -8.40 -13.51 -0.54
C SER A 116 -7.28 -14.50 -0.83
N ALA A 117 -6.25 -14.40 0.01
CA ALA A 117 -5.08 -15.26 -0.02
C ALA A 117 -4.90 -15.90 1.34
N TYR A 118 -4.41 -17.13 1.33
CA TYR A 118 -4.09 -17.84 2.57
C TYR A 118 -2.59 -18.10 2.56
N ASP A 119 -1.91 -17.68 3.62
CA ASP A 119 -0.46 -17.78 3.70
C ASP A 119 0.24 -17.20 2.47
N GLY A 120 -0.26 -16.06 1.99
CA GLY A 120 0.41 -15.34 0.92
C GLY A 120 0.15 -15.83 -0.49
N LYS A 121 -0.73 -16.82 -0.63
CA LYS A 121 -1.07 -17.34 -1.95
C LYS A 121 -2.56 -17.21 -2.20
N ASP A 122 -2.93 -16.94 -3.45
CA ASP A 122 -4.33 -16.88 -3.84
C ASP A 122 -5.13 -17.99 -3.17
N TYR A 123 -6.27 -17.64 -2.60
CA TYR A 123 -7.18 -18.65 -2.08
C TYR A 123 -8.44 -18.64 -2.93
N ILE A 124 -9.20 -17.55 -2.86
CA ILE A 124 -10.41 -17.48 -3.69
C ILE A 124 -10.73 -16.06 -4.11
N ALA A 125 -11.24 -15.90 -5.33
CA ALA A 125 -11.51 -14.55 -5.82
C ALA A 125 -12.79 -14.47 -6.64
N LEU A 126 -13.46 -13.33 -6.57
CA LEU A 126 -14.66 -13.11 -7.37
C LEU A 126 -14.25 -12.78 -8.80
N ASN A 127 -14.84 -13.46 -9.77
CA ASN A 127 -14.48 -13.25 -11.17
C ASN A 127 -15.04 -11.95 -11.75
N GLY A 128 -14.59 -11.62 -12.95
CA GLY A 128 -15.01 -10.40 -13.61
C GLY A 128 -16.52 -10.31 -13.83
N ASP A 129 -17.16 -11.46 -13.96
CA ASP A 129 -18.61 -11.50 -14.17
C ASP A 129 -19.39 -11.16 -12.90
N LEU A 130 -18.69 -11.04 -11.78
CA LEU A 130 -19.32 -10.73 -10.50
C LEU A 130 -20.32 -11.80 -10.07
N ARG A 131 -20.20 -13.01 -10.64
CA ARG A 131 -21.16 -14.06 -10.37
C ARG A 131 -20.49 -15.40 -10.04
N SER A 132 -19.24 -15.56 -10.44
CA SER A 132 -18.53 -16.81 -10.23
C SER A 132 -17.19 -16.60 -9.52
N TRP A 133 -16.69 -17.66 -8.88
CA TRP A 133 -15.44 -17.58 -8.15
C TRP A 133 -14.34 -18.41 -8.80
N THR A 134 -13.11 -17.90 -8.73
CA THR A 134 -11.93 -18.69 -9.05
C THR A 134 -11.30 -19.18 -7.75
N ALA A 135 -11.31 -20.50 -7.58
CA ALA A 135 -10.66 -21.16 -6.44
C ALA A 135 -9.27 -21.60 -6.85
N ALA A 136 -8.26 -21.18 -6.09
CA ALA A 136 -6.87 -21.43 -6.46
C ALA A 136 -6.43 -22.88 -6.26
N ASP A 137 -7.13 -23.60 -5.39
CA ASP A 137 -6.76 -24.97 -5.11
C ASP A 137 -7.95 -25.78 -4.62
N MET A 138 -7.71 -27.05 -4.29
CA MET A 138 -8.78 -27.95 -3.90
C MET A 138 -9.45 -27.51 -2.61
N ALA A 139 -8.64 -26.97 -1.70
CA ALA A 139 -9.17 -26.46 -0.44
C ALA A 139 -10.19 -25.37 -0.69
N ALA A 140 -9.84 -24.43 -1.57
CA ALA A 140 -10.72 -23.30 -1.87
C ALA A 140 -11.99 -23.75 -2.59
N GLN A 141 -11.95 -24.93 -3.18
CA GLN A 141 -13.12 -25.45 -3.88
C GLN A 141 -14.24 -25.77 -2.89
N ASN A 142 -13.88 -26.21 -1.69
CA ASN A 142 -14.87 -26.38 -0.63
C ASN A 142 -15.61 -25.07 -0.38
N THR A 143 -14.84 -23.99 -0.29
CA THR A 143 -15.41 -22.67 -0.05
C THR A 143 -16.27 -22.23 -1.22
N GLN A 144 -15.81 -22.53 -2.43
CA GLN A 144 -16.57 -22.21 -3.63
C GLN A 144 -17.94 -22.89 -3.60
N ARG A 145 -17.95 -24.18 -3.31
CA ARG A 145 -19.22 -24.91 -3.20
C ARG A 145 -20.12 -24.30 -2.14
N LYS A 146 -19.56 -24.02 -0.97
CA LYS A 146 -20.36 -23.41 0.09
C LYS A 146 -21.00 -22.09 -0.35
N TRP A 147 -20.22 -21.27 -1.05
CA TRP A 147 -20.67 -19.95 -1.45
C TRP A 147 -21.69 -20.02 -2.59
N GLU A 148 -21.56 -21.02 -3.44
CA GLU A 148 -22.58 -21.28 -4.45
C GLU A 148 -23.87 -21.71 -3.77
N GLY A 149 -23.74 -22.49 -2.72
CA GLY A 149 -24.89 -22.98 -1.97
C GLY A 149 -25.67 -21.91 -1.21
N ASN A 150 -24.98 -20.87 -0.74
CA ASN A 150 -25.64 -19.84 0.07
C ASN A 150 -25.74 -18.49 -0.62
N ARG A 151 -25.61 -18.49 -1.95
CA ARG A 151 -25.76 -17.29 -2.76
C ARG A 151 -24.85 -16.13 -2.33
N TYR A 152 -23.62 -16.44 -1.92
CA TYR A 152 -22.74 -15.40 -1.40
C TYR A 152 -22.43 -14.32 -2.46
N ALA A 153 -22.18 -14.75 -3.69
CA ALA A 153 -21.89 -13.81 -4.77
C ALA A 153 -23.02 -12.79 -4.95
N GLU A 154 -24.26 -13.27 -5.00
CA GLU A 154 -25.42 -12.38 -5.16
C GLU A 154 -25.52 -11.35 -4.03
N ARG A 155 -25.41 -11.82 -2.79
CA ARG A 155 -25.52 -10.94 -1.62
C ARG A 155 -24.40 -9.89 -1.61
N PHE A 156 -23.19 -10.34 -1.98
CA PHE A 156 -22.09 -9.41 -2.07
C PHE A 156 -22.36 -8.36 -3.15
N ARG A 157 -22.93 -8.81 -4.27
CA ARG A 157 -23.30 -7.90 -5.35
C ARG A 157 -24.26 -6.84 -4.81
N ALA A 158 -25.21 -7.28 -3.98
CA ALA A 158 -26.14 -6.35 -3.36
C ALA A 158 -25.38 -5.29 -2.58
N TYR A 159 -24.35 -5.72 -1.85
CA TYR A 159 -23.51 -4.74 -1.15
C TYR A 159 -22.80 -3.78 -2.12
N LEU A 160 -22.21 -4.33 -3.17
CA LEU A 160 -21.50 -3.53 -4.16
C LEU A 160 -22.39 -2.43 -4.72
N GLU A 161 -23.57 -2.81 -5.18
CA GLU A 161 -24.49 -1.85 -5.78
C GLU A 161 -25.24 -1.03 -4.73
N GLY A 162 -25.23 -1.50 -3.49
CA GLY A 162 -25.91 -0.82 -2.41
C GLY A 162 -24.98 0.09 -1.62
N GLU A 163 -24.68 -0.30 -0.39
CA GLU A 163 -23.92 0.53 0.53
C GLU A 163 -22.51 0.91 0.08
N CYS A 164 -21.88 0.06 -0.73
CA CYS A 164 -20.51 0.34 -1.16
C CYS A 164 -20.48 1.62 -2.01
N LEU A 165 -21.35 1.67 -3.02
CA LEU A 165 -21.42 2.82 -3.90
C LEU A 165 -21.95 4.04 -3.15
N GLU A 166 -22.95 3.85 -2.31
CA GLU A 166 -23.54 4.94 -1.55
C GLU A 166 -22.51 5.62 -0.66
N TRP A 167 -21.77 4.82 0.10
CA TRP A 167 -20.74 5.38 0.96
C TRP A 167 -19.57 5.96 0.16
N LEU A 168 -19.20 5.34 -0.94
CA LEU A 168 -18.16 5.92 -1.78
C LEU A 168 -18.56 7.33 -2.23
N ARG A 169 -19.79 7.48 -2.71
CA ARG A 169 -20.33 8.77 -3.10
C ARG A 169 -20.28 9.75 -1.95
N ARG A 170 -20.78 9.30 -0.81
CA ARG A 170 -20.82 10.15 0.38
C ARG A 170 -19.43 10.67 0.77
N TYR A 171 -18.44 9.79 0.77
CA TYR A 171 -17.08 10.17 1.12
C TYR A 171 -16.53 11.14 0.09
N LEU A 172 -16.80 10.88 -1.18
CA LEU A 172 -16.32 11.74 -2.26
C LEU A 172 -16.89 13.14 -2.12
N GLU A 173 -18.14 13.24 -1.68
CA GLU A 173 -18.78 14.53 -1.47
C GLU A 173 -18.21 15.23 -0.23
N ASN A 174 -18.16 14.50 0.89
CA ASN A 174 -17.69 15.06 2.15
C ASN A 174 -16.24 15.53 2.12
N GLY A 175 -15.43 14.92 1.27
CA GLY A 175 -14.03 15.29 1.15
C GLY A 175 -13.59 15.61 -0.27
N LYS A 176 -14.45 16.28 -1.03
CA LYS A 176 -14.16 16.58 -2.42
C LYS A 176 -12.85 17.36 -2.59
N GLU A 177 -12.65 18.37 -1.75
CA GLU A 177 -11.50 19.25 -1.88
C GLU A 177 -10.19 18.47 -1.90
N THR A 178 -10.16 17.34 -1.19
CA THR A 178 -8.94 16.56 -1.05
C THR A 178 -8.96 15.27 -1.88
N LEU A 179 -10.15 14.69 -2.05
CA LEU A 179 -10.28 13.44 -2.79
C LEU A 179 -10.38 13.65 -4.31
N GLN A 180 -11.06 14.72 -4.72
CA GLN A 180 -11.27 14.96 -6.15
C GLN A 180 -10.26 15.95 -6.74
N ARG A 181 -9.20 16.22 -6.01
CA ARG A 181 -8.14 17.10 -6.50
C ARG A 181 -6.88 16.31 -6.83
N ALA A 182 -6.37 16.52 -8.04
CA ALA A 182 -5.15 15.84 -8.47
C ALA A 182 -3.96 16.78 -8.40
N ASP A 183 -3.03 16.47 -7.50
CA ASP A 183 -1.82 17.26 -7.31
C ASP A 183 -0.69 16.75 -8.18
N PRO A 184 -0.18 17.60 -9.09
CA PRO A 184 0.84 17.20 -10.04
C PRO A 184 2.19 17.05 -9.35
N PRO A 185 3.08 16.22 -9.90
CA PRO A 185 4.39 16.07 -9.27
C PRO A 185 5.26 17.30 -9.47
N LYS A 186 6.10 17.58 -8.48
CA LYS A 186 7.22 18.48 -8.66
C LYS A 186 8.35 17.61 -9.18
N THR A 187 8.93 17.99 -10.32
CA THR A 187 9.87 17.11 -10.99
C THR A 187 11.23 17.75 -11.17
N HIS A 188 12.26 16.93 -11.31
CA HIS A 188 13.57 17.46 -11.69
C HIS A 188 14.55 16.36 -12.06
N VAL A 189 15.63 16.72 -12.73
CA VAL A 189 16.64 15.73 -13.12
C VAL A 189 17.96 16.02 -12.42
N THR A 190 18.54 14.99 -11.81
CA THR A 190 19.85 15.12 -11.17
C THR A 190 20.86 14.25 -11.92
N HIS A 191 22.13 14.56 -11.72
CA HIS A 191 23.23 13.93 -12.43
C HIS A 191 24.27 13.48 -11.41
N HIS A 192 24.67 12.21 -11.50
CA HIS A 192 25.57 11.61 -10.51
C HIS A 192 26.61 10.74 -11.19
N PRO A 193 27.86 11.22 -11.29
CA PRO A 193 28.91 10.46 -11.97
C PRO A 193 29.09 9.06 -11.37
N VAL A 194 29.21 8.07 -12.23
CA VAL A 194 29.47 6.70 -11.81
C VAL A 194 30.97 6.44 -11.90
N SER A 195 31.57 6.95 -12.96
CA SER A 195 33.01 6.91 -13.14
C SER A 195 33.41 8.10 -13.99
N ASP A 196 34.64 8.09 -14.49
CA ASP A 196 35.09 9.15 -15.38
C ASP A 196 34.59 8.92 -16.80
N HIS A 197 33.73 7.92 -16.98
CA HIS A 197 33.26 7.57 -18.31
C HIS A 197 31.74 7.37 -18.39
N GLU A 198 31.10 7.25 -17.23
CA GLU A 198 29.65 7.08 -17.17
C GLU A 198 29.02 7.92 -16.08
N ALA A 199 27.74 8.22 -16.22
CA ALA A 199 27.04 8.98 -15.20
C ALA A 199 25.57 8.56 -15.12
N THR A 200 24.97 8.76 -13.96
CA THR A 200 23.56 8.43 -13.75
C THR A 200 22.70 9.68 -13.86
N LEU A 201 21.67 9.60 -14.70
CA LEU A 201 20.65 10.63 -14.76
C LEU A 201 19.44 10.11 -13.99
N ARG A 202 19.00 10.88 -13.00
CA ARG A 202 17.87 10.47 -12.18
C ARG A 202 16.73 11.47 -12.30
N CYS A 203 15.57 10.99 -12.75
CA CYS A 203 14.39 11.81 -12.92
C CYS A 203 13.47 11.60 -11.73
N TRP A 204 13.21 12.69 -11.01
CA TRP A 204 12.42 12.69 -9.78
C TRP A 204 11.04 13.27 -9.99
N ALA A 205 10.06 12.59 -9.40
CA ALA A 205 8.69 13.09 -9.29
C ALA A 205 8.23 12.99 -7.84
N LEU A 206 7.91 14.14 -7.25
CA LEU A 206 7.59 14.20 -5.82
C LEU A 206 6.25 14.87 -5.57
N GLY A 207 5.67 14.57 -4.41
CA GLY A 207 4.49 15.27 -3.93
C GLY A 207 3.24 15.13 -4.78
N PHE A 208 3.15 14.04 -5.54
CA PHE A 208 2.01 13.85 -6.44
C PHE A 208 0.89 12.97 -5.88
N TYR A 209 -0.33 13.22 -6.36
CA TYR A 209 -1.50 12.43 -5.99
C TYR A 209 -2.52 12.52 -7.13
N PRO A 210 -3.15 11.39 -7.50
CA PRO A 210 -3.02 10.04 -6.90
C PRO A 210 -1.70 9.35 -7.26
N ALA A 211 -1.56 8.09 -6.84
CA ALA A 211 -0.29 7.38 -6.97
C ALA A 211 0.07 7.03 -8.41
N GLU A 212 -0.93 6.80 -9.24
CA GLU A 212 -0.70 6.45 -10.64
C GLU A 212 0.17 7.48 -11.33
N ILE A 213 1.23 7.02 -11.99
CA ILE A 213 2.12 7.90 -12.71
C ILE A 213 2.93 7.09 -13.72
N THR A 214 3.36 7.73 -14.80
CA THR A 214 4.30 7.08 -15.70
C THR A 214 5.59 7.89 -15.79
N LEU A 215 6.72 7.21 -15.67
CA LEU A 215 8.03 7.85 -15.69
C LEU A 215 8.95 7.05 -16.58
N THR A 216 9.39 7.63 -17.69
CA THR A 216 10.28 6.87 -18.58
C THR A 216 11.46 7.70 -19.08
N TRP A 217 12.46 7.02 -19.62
CA TRP A 217 13.62 7.69 -20.20
C TRP A 217 13.71 7.40 -21.70
N GLN A 218 14.08 8.42 -22.46
CA GLN A 218 14.32 8.26 -23.88
C GLN A 218 15.70 8.79 -24.25
N ARG A 219 16.29 8.20 -25.28
CA ARG A 219 17.50 8.69 -25.90
C ARG A 219 17.18 9.06 -27.34
N ASP A 220 17.39 10.33 -27.68
CA ASP A 220 17.08 10.82 -29.03
C ASP A 220 15.62 10.55 -29.39
N GLY A 221 14.75 10.53 -28.39
CA GLY A 221 13.33 10.32 -28.62
C GLY A 221 12.91 8.86 -28.67
N GLU A 222 13.87 7.96 -28.51
CA GLU A 222 13.58 6.52 -28.51
C GLU A 222 13.50 6.00 -27.09
N GLU A 223 12.52 5.14 -26.83
CA GLU A 223 12.35 4.58 -25.49
C GLU A 223 13.58 3.80 -25.05
N GLN A 224 13.95 3.95 -23.78
CA GLN A 224 15.15 3.33 -23.23
C GLN A 224 14.82 2.43 -22.03
N THR A 225 15.27 1.19 -22.08
CA THR A 225 15.05 0.26 -20.98
C THR A 225 16.38 -0.29 -20.48
N GLN A 226 17.33 -0.45 -21.40
CA GLN A 226 18.67 -0.90 -21.07
C GLN A 226 19.30 0.06 -20.06
N ASP A 227 19.83 -0.48 -18.97
CA ASP A 227 20.55 0.32 -17.98
C ASP A 227 19.66 1.36 -17.28
N THR A 228 18.39 1.02 -17.11
CA THR A 228 17.47 1.89 -16.38
C THR A 228 17.07 1.24 -15.05
N GLU A 229 16.65 2.07 -14.10
CA GLU A 229 16.16 1.58 -12.82
C GLU A 229 15.00 2.44 -12.36
N PHE A 230 13.83 1.84 -12.21
CA PHE A 230 12.66 2.57 -11.73
C PHE A 230 12.25 2.00 -10.38
N VAL A 231 12.31 2.83 -9.35
CA VAL A 231 11.93 2.38 -8.01
C VAL A 231 10.41 2.33 -7.88
N GLU A 232 9.95 1.48 -6.97
CA GLU A 232 8.52 1.39 -6.66
C GLU A 232 7.99 2.74 -6.18
N THR A 233 6.81 3.12 -6.65
CA THR A 233 6.18 4.35 -6.18
C THR A 233 6.03 4.26 -4.67
N ARG A 234 6.40 5.33 -3.97
CA ARG A 234 6.53 5.30 -2.52
C ARG A 234 5.80 6.47 -1.86
N PRO A 235 5.30 6.26 -0.62
CA PRO A 235 4.53 7.31 0.04
C PRO A 235 5.41 8.41 0.62
N GLY A 236 4.96 9.65 0.54
CA GLY A 236 5.70 10.77 1.10
C GLY A 236 5.56 10.84 2.61
N GLY A 237 4.49 10.24 3.12
CA GLY A 237 4.21 10.28 4.54
C GLY A 237 3.15 11.33 4.87
N ASP A 238 2.77 12.11 3.86
CA ASP A 238 1.81 13.20 4.05
C ASP A 238 0.61 13.06 3.11
N GLY A 239 0.44 11.87 2.54
CA GLY A 239 -0.67 11.62 1.65
C GLY A 239 -0.30 11.80 0.19
N THR A 240 0.96 12.14 -0.06
CA THR A 240 1.44 12.26 -1.44
C THR A 240 2.31 11.06 -1.78
N PHE A 241 2.73 10.97 -3.05
CA PHE A 241 3.58 9.88 -3.48
C PHE A 241 4.83 10.37 -4.21
N GLN A 242 5.82 9.48 -4.35
CA GLN A 242 7.07 9.81 -5.00
C GLN A 242 7.51 8.69 -5.91
N LYS A 243 8.37 9.01 -6.86
CA LYS A 243 8.97 8.01 -7.72
C LYS A 243 10.19 8.63 -8.39
N TRP A 244 11.21 7.82 -8.64
CA TRP A 244 12.28 8.25 -9.55
C TRP A 244 12.69 7.15 -10.52
N GLY A 245 13.22 7.56 -11.66
CA GLY A 245 13.74 6.62 -12.64
C GLY A 245 15.10 7.08 -13.09
N ALA A 246 16.07 6.19 -13.10
CA ALA A 246 17.43 6.55 -13.46
C ALA A 246 17.92 5.78 -14.67
N VAL A 247 18.88 6.36 -15.38
CA VAL A 247 19.55 5.65 -16.46
C VAL A 247 21.03 5.96 -16.40
N VAL A 248 21.86 4.95 -16.64
CA VAL A 248 23.30 5.17 -16.73
C VAL A 248 23.63 5.48 -18.19
N VAL A 249 24.37 6.55 -18.42
CA VAL A 249 24.65 7.01 -19.77
C VAL A 249 26.14 7.29 -19.92
N PRO A 250 26.64 7.22 -21.16
CA PRO A 250 28.03 7.57 -21.45
C PRO A 250 28.24 9.06 -21.23
N SER A 251 29.30 9.42 -20.52
CA SER A 251 29.62 10.82 -20.30
C SER A 251 29.71 11.54 -21.64
N GLY A 252 29.00 12.65 -21.77
CA GLY A 252 29.01 13.43 -22.98
C GLY A 252 27.75 13.27 -23.80
N GLU A 253 26.93 12.28 -23.45
CA GLU A 253 25.68 12.03 -24.17
C GLU A 253 24.45 12.44 -23.38
N GLU A 254 24.65 13.08 -22.23
CA GLU A 254 23.55 13.47 -21.36
C GLU A 254 22.44 14.27 -22.04
N GLN A 255 22.80 15.17 -22.96
CA GLN A 255 21.83 16.09 -23.57
C GLN A 255 20.96 15.43 -24.63
N ARG A 256 21.16 14.14 -24.84
CA ARG A 256 20.33 13.41 -25.78
C ARG A 256 19.22 12.64 -25.04
N TYR A 257 19.30 12.65 -23.71
CA TYR A 257 18.33 11.93 -22.88
C TYR A 257 17.23 12.84 -22.35
N THR A 258 15.99 12.36 -22.43
CA THR A 258 14.87 13.09 -21.88
C THR A 258 14.05 12.19 -20.95
N CYS A 259 13.54 12.78 -19.88
CA CYS A 259 12.63 12.08 -18.98
C CYS A 259 11.21 12.51 -19.27
N HIS A 260 10.31 11.52 -19.35
CA HIS A 260 8.93 11.76 -19.71
C HIS A 260 7.99 11.35 -18.58
N VAL A 261 7.14 12.28 -18.16
CA VAL A 261 6.31 12.10 -16.98
C VAL A 261 4.83 12.33 -17.29
N GLN A 262 4.00 11.32 -17.01
CA GLN A 262 2.56 11.46 -17.21
C GLN A 262 1.82 11.31 -15.89
N HIS A 263 0.96 12.27 -15.59
CA HIS A 263 0.17 12.24 -14.37
C HIS A 263 -1.11 13.06 -14.51
N GLU A 264 -2.18 12.56 -13.88
CA GLU A 264 -3.50 13.18 -13.93
C GLU A 264 -3.49 14.68 -13.58
N GLY A 265 -2.56 15.07 -12.72
CA GLY A 265 -2.48 16.44 -12.26
C GLY A 265 -1.81 17.39 -13.22
N LEU A 266 -1.18 16.84 -14.25
CA LEU A 266 -0.47 17.65 -15.25
C LEU A 266 -1.37 18.00 -16.43
N PRO A 267 -1.42 19.30 -16.79
CA PRO A 267 -2.18 19.74 -17.96
C PRO A 267 -1.64 19.05 -19.21
N GLU A 268 -0.32 19.00 -19.31
CA GLU A 268 0.36 18.36 -20.43
C GLU A 268 1.47 17.45 -19.89
N PRO A 269 1.73 16.33 -20.58
CA PRO A 269 2.85 15.48 -20.20
C PRO A 269 4.15 16.28 -20.14
N LEU A 270 5.11 15.85 -19.34
CA LEU A 270 6.37 16.59 -19.20
C LEU A 270 7.50 15.98 -20.01
N THR A 271 8.33 16.84 -20.58
CA THR A 271 9.59 16.43 -21.18
C THR A 271 10.71 17.19 -20.49
N LEU A 272 11.52 16.47 -19.71
CA LEU A 272 12.53 17.08 -18.86
C LEU A 272 13.93 16.67 -19.29
N ARG A 273 14.89 17.56 -19.04
CA ARG A 273 16.29 17.28 -19.34
C ARG A 273 17.14 17.70 -18.16
N TRP A 274 18.34 17.15 -18.08
CA TRP A 274 19.29 17.59 -17.08
C TRP A 274 19.63 19.06 -17.34
N GLU A 275 19.34 19.91 -16.37
CA GLU A 275 19.63 21.32 -16.45
C GLU A 275 20.78 21.64 -15.48
N PRO A 276 22.02 21.53 -15.95
CA PRO A 276 23.15 21.81 -15.06
C PRO A 276 23.15 23.27 -14.63
N ILE B 1 5.61 -19.64 2.05
CA ILE B 1 6.16 -19.02 0.85
C ILE B 1 7.40 -18.18 1.15
N GLN B 2 7.23 -17.13 1.96
CA GLN B 2 8.33 -16.23 2.32
C GLN B 2 8.85 -15.34 1.18
N ARG B 3 8.61 -14.04 1.32
CA ARG B 3 9.15 -13.07 0.37
C ARG B 3 10.03 -12.05 1.10
N THR B 4 11.16 -11.72 0.49
CA THR B 4 12.14 -10.82 1.11
C THR B 4 11.74 -9.38 0.93
N PRO B 5 11.80 -8.59 2.01
CA PRO B 5 11.39 -7.19 1.90
C PRO B 5 12.30 -6.38 0.98
N LYS B 6 11.69 -5.44 0.26
CA LYS B 6 12.37 -4.39 -0.44
C LYS B 6 12.36 -3.21 0.53
N ILE B 7 13.37 -2.36 0.44
CA ILE B 7 13.53 -1.26 1.37
C ILE B 7 13.93 0.00 0.64
N GLN B 8 13.20 1.09 0.89
CA GLN B 8 13.64 2.40 0.43
C GLN B 8 13.70 3.35 1.61
N VAL B 9 14.84 4.02 1.78
CA VAL B 9 14.99 5.04 2.81
C VAL B 9 15.14 6.38 2.11
N TYR B 10 14.33 7.37 2.48
CA TYR B 10 14.29 8.61 1.71
C TYR B 10 13.61 9.72 2.49
N SER B 11 13.78 10.95 2.05
CA SER B 11 13.16 12.10 2.71
C SER B 11 11.85 12.49 2.02
N ARG B 12 10.94 13.09 2.77
CA ARG B 12 9.68 13.55 2.20
C ARG B 12 9.91 14.63 1.16
N HIS B 13 10.79 15.58 1.50
CA HIS B 13 11.14 16.68 0.61
C HIS B 13 12.61 16.62 0.23
N PRO B 14 12.96 17.19 -0.94
CA PRO B 14 14.38 17.28 -1.30
C PRO B 14 15.16 17.88 -0.15
N PRO B 15 16.25 17.22 0.28
CA PRO B 15 16.97 17.60 1.49
C PRO B 15 17.83 18.85 1.32
N GLU B 16 17.75 19.74 2.30
CA GLU B 16 18.67 20.88 2.42
C GLU B 16 19.25 20.88 3.83
N ASN B 17 20.58 20.80 3.94
CA ASN B 17 21.22 20.79 5.25
C ASN B 17 20.67 21.88 6.17
N GLY B 18 20.29 21.48 7.39
CA GLY B 18 19.77 22.41 8.38
C GLY B 18 18.27 22.67 8.29
N LYS B 19 17.63 22.13 7.26
CA LYS B 19 16.20 22.36 7.04
C LYS B 19 15.38 21.16 7.46
N PRO B 20 14.49 21.35 8.46
CA PRO B 20 13.64 20.29 8.99
C PRO B 20 12.88 19.56 7.89
N ASN B 21 12.80 18.24 8.03
CA ASN B 21 12.32 17.36 6.98
C ASN B 21 11.78 16.10 7.63
N PHE B 22 11.44 15.12 6.81
CA PHE B 22 10.83 13.91 7.30
C PHE B 22 11.52 12.70 6.70
N LEU B 23 11.97 11.79 7.57
CA LEU B 23 12.68 10.59 7.18
C LEU B 23 11.72 9.41 7.11
N ASN B 24 11.73 8.75 5.96
CA ASN B 24 10.85 7.63 5.65
C ASN B 24 11.66 6.37 5.37
N CYS B 25 11.15 5.24 5.85
CA CYS B 25 11.62 3.93 5.43
C CYS B 25 10.43 3.10 5.03
N TYR B 26 10.30 2.89 3.72
CA TYR B 26 9.21 2.15 3.12
C TYR B 26 9.67 0.73 2.87
N VAL B 27 9.06 -0.21 3.56
CA VAL B 27 9.42 -1.62 3.43
C VAL B 27 8.25 -2.32 2.79
N SER B 28 8.51 -3.11 1.76
CA SER B 28 7.41 -3.70 0.99
C SER B 28 7.74 -5.08 0.45
N GLY B 29 6.74 -5.76 -0.10
CA GLY B 29 6.93 -7.03 -0.77
C GLY B 29 7.35 -8.20 0.11
N PHE B 30 7.12 -8.10 1.42
CA PHE B 30 7.52 -9.16 2.34
C PHE B 30 6.39 -10.08 2.79
N HIS B 31 6.75 -11.29 3.20
CA HIS B 31 5.80 -12.25 3.73
C HIS B 31 6.60 -13.31 4.47
N PRO B 32 6.15 -13.71 5.67
CA PRO B 32 4.95 -13.26 6.40
C PRO B 32 5.06 -11.83 6.92
N SER B 33 4.01 -11.35 7.56
CA SER B 33 3.91 -9.94 7.93
C SER B 33 4.81 -9.55 9.10
N ASP B 34 5.21 -10.52 9.89
CA ASP B 34 6.06 -10.26 11.04
C ASP B 34 7.39 -9.65 10.60
N ILE B 35 7.67 -8.46 11.11
CA ILE B 35 8.87 -7.76 10.70
C ILE B 35 9.28 -6.75 11.77
N GLU B 36 10.57 -6.43 11.82
CA GLU B 36 11.05 -5.37 12.69
C GLU B 36 11.77 -4.30 11.88
N VAL B 37 11.41 -3.04 12.11
CA VAL B 37 12.01 -1.93 11.39
C VAL B 37 12.38 -0.82 12.37
N ASP B 38 13.61 -0.30 12.24
CA ASP B 38 14.05 0.83 13.06
C ASP B 38 14.68 1.90 12.19
N LEU B 39 14.53 3.16 12.60
CA LEU B 39 15.28 4.25 12.00
C LEU B 39 16.42 4.60 12.95
N LEU B 40 17.63 4.71 12.41
CA LEU B 40 18.84 4.94 13.20
C LEU B 40 19.52 6.22 12.77
N LYS B 41 20.08 6.94 13.74
CA LYS B 41 20.95 8.07 13.46
C LYS B 41 22.31 7.76 14.08
N ASN B 42 23.35 7.81 13.25
CA ASN B 42 24.68 7.46 13.70
C ASN B 42 24.71 6.11 14.41
N GLY B 43 23.93 5.17 13.90
CA GLY B 43 23.95 3.80 14.40
C GLY B 43 23.04 3.56 15.60
N GLU B 44 22.40 4.61 16.09
CA GLU B 44 21.53 4.44 17.26
C GLU B 44 20.08 4.73 16.92
N LYS B 45 19.18 3.93 17.49
CA LYS B 45 17.76 4.10 17.24
C LYS B 45 17.29 5.51 17.59
N MET B 46 16.55 6.12 16.69
CA MET B 46 16.05 7.49 16.90
C MET B 46 14.95 7.51 17.94
N GLY B 47 14.63 8.70 18.44
CA GLY B 47 13.80 8.83 19.63
C GLY B 47 12.32 8.51 19.50
N LYS B 48 11.73 8.85 18.36
CA LYS B 48 10.29 8.73 18.19
C LYS B 48 9.95 8.29 16.78
N VAL B 49 9.94 6.98 16.57
CA VAL B 49 9.69 6.41 15.26
C VAL B 49 8.34 5.70 15.27
N GLU B 50 7.48 6.09 14.34
CA GLU B 50 6.14 5.52 14.24
C GLU B 50 5.97 4.89 12.86
N HIS B 51 4.84 4.23 12.64
CA HIS B 51 4.63 3.53 11.37
C HIS B 51 3.17 3.42 11.00
N SER B 52 2.94 3.23 9.70
CA SER B 52 1.58 3.10 9.17
C SER B 52 0.97 1.78 9.60
N ASP B 53 -0.32 1.64 9.37
CA ASP B 53 -1.02 0.38 9.62
C ASP B 53 -0.74 -0.61 8.50
N LEU B 54 -0.50 -1.86 8.87
CA LEU B 54 -0.21 -2.93 7.93
C LEU B 54 -1.25 -3.03 6.82
N SER B 55 -0.79 -2.95 5.57
CA SER B 55 -1.66 -3.11 4.42
C SER B 55 -0.93 -3.95 3.38
N PHE B 56 -1.55 -4.19 2.23
CA PHE B 56 -0.92 -5.03 1.21
C PHE B 56 -1.32 -4.66 -0.21
N SER B 57 -0.51 -5.12 -1.16
CA SER B 57 -0.69 -4.80 -2.57
C SER B 57 -1.50 -5.89 -3.28
N LYS B 58 -1.57 -5.75 -4.59
CA LYS B 58 -2.32 -6.67 -5.44
C LYS B 58 -1.82 -8.11 -5.30
N ASP B 59 -0.50 -8.28 -5.28
CA ASP B 59 0.11 -9.61 -5.20
C ASP B 59 0.14 -10.16 -3.77
N TRP B 60 -0.57 -9.50 -2.87
CA TRP B 60 -0.64 -9.93 -1.47
C TRP B 60 0.57 -9.55 -0.63
N SER B 61 1.59 -8.98 -1.25
CA SER B 61 2.78 -8.57 -0.51
C SER B 61 2.46 -7.35 0.36
N PHE B 62 2.89 -7.42 1.63
CA PHE B 62 2.65 -6.38 2.61
C PHE B 62 3.56 -5.18 2.40
N TYR B 63 3.12 -4.02 2.88
CA TYR B 63 3.98 -2.85 2.94
C TYR B 63 3.70 -2.01 4.19
N LEU B 64 4.75 -1.40 4.70
CA LEU B 64 4.68 -0.55 5.88
C LEU B 64 5.59 0.65 5.65
N LEU B 65 5.18 1.80 6.17
CA LEU B 65 6.03 2.97 6.20
C LEU B 65 6.40 3.28 7.64
N TYR B 66 7.70 3.35 7.93
CA TYR B 66 8.18 3.81 9.23
C TYR B 66 8.75 5.20 9.03
N TYR B 67 8.55 6.09 9.99
CA TYR B 67 8.93 7.49 9.76
C TYR B 67 9.27 8.23 11.03
N THR B 68 10.03 9.32 10.87
CA THR B 68 10.30 10.22 11.98
C THR B 68 10.71 11.56 11.41
N GLU B 69 10.78 12.60 12.24
CA GLU B 69 11.27 13.87 11.76
C GLU B 69 12.80 13.84 11.74
N PHE B 70 13.40 14.50 10.75
CA PHE B 70 14.86 14.66 10.77
C PHE B 70 15.30 15.90 10.02
N THR B 71 16.43 16.44 10.44
CA THR B 71 17.01 17.61 9.81
C THR B 71 18.39 17.24 9.25
N PRO B 72 18.46 16.98 7.94
CA PRO B 72 19.70 16.47 7.34
C PRO B 72 20.89 17.40 7.53
N ASN B 73 22.09 16.83 7.57
CA ASN B 73 23.33 17.58 7.66
C ASN B 73 24.51 16.73 7.21
N GLU B 74 25.63 17.37 6.89
CA GLU B 74 26.75 16.67 6.27
C GLU B 74 27.42 15.62 7.15
N LYS B 75 27.41 15.82 8.46
CA LYS B 75 28.19 14.98 9.36
C LYS B 75 27.45 13.74 9.88
N ASP B 76 26.13 13.81 9.90
CA ASP B 76 25.34 12.71 10.48
C ASP B 76 24.89 11.69 9.43
N GLU B 77 24.82 10.43 9.87
CA GLU B 77 24.39 9.34 9.03
C GLU B 77 23.02 8.85 9.49
N TYR B 78 22.08 8.71 8.56
CA TYR B 78 20.77 8.17 8.89
C TYR B 78 20.57 6.85 8.16
N ALA B 79 19.82 5.94 8.76
CA ALA B 79 19.67 4.61 8.16
C ALA B 79 18.38 3.91 8.60
N CYS B 80 17.98 2.90 7.83
CA CYS B 80 16.86 2.06 8.21
C CYS B 80 17.36 0.64 8.39
N ARG B 81 16.96 0.00 9.49
CA ARG B 81 17.40 -1.35 9.79
C ARG B 81 16.21 -2.27 9.86
N VAL B 82 16.27 -3.36 9.08
CA VAL B 82 15.16 -4.29 8.99
C VAL B 82 15.57 -5.71 9.38
N ASN B 83 14.73 -6.35 10.18
CA ASN B 83 14.86 -7.77 10.48
C ASN B 83 13.61 -8.49 10.03
N HIS B 84 13.80 -9.62 9.35
CA HIS B 84 12.71 -10.43 8.83
C HIS B 84 13.19 -11.88 8.74
N VAL B 85 12.27 -12.82 8.80
CA VAL B 85 12.66 -14.23 8.77
C VAL B 85 13.49 -14.58 7.53
N THR B 86 13.25 -13.88 6.44
CA THR B 86 13.96 -14.15 5.19
C THR B 86 15.37 -13.56 5.16
N LEU B 87 15.68 -12.70 6.12
CA LEU B 87 17.01 -12.08 6.17
C LEU B 87 17.90 -12.78 7.19
N SER B 88 19.13 -13.09 6.80
CA SER B 88 20.05 -13.78 7.69
C SER B 88 20.24 -13.00 8.97
N GLY B 89 20.89 -11.84 8.86
CA GLY B 89 20.95 -10.90 9.97
C GLY B 89 20.16 -9.67 9.60
N PRO B 90 20.21 -8.62 10.43
CA PRO B 90 19.54 -7.38 10.07
C PRO B 90 20.15 -6.78 8.81
N ARG B 91 19.30 -6.22 7.96
CA ARG B 91 19.76 -5.48 6.81
C ARG B 91 19.68 -3.99 7.11
N THR B 92 20.77 -3.27 6.86
CA THR B 92 20.78 -1.83 7.10
C THR B 92 21.01 -1.06 5.80
N VAL B 93 20.08 -0.17 5.47
CA VAL B 93 20.21 0.67 4.29
C VAL B 93 20.43 2.10 4.73
N LYS B 94 21.55 2.70 4.33
CA LYS B 94 21.83 4.09 4.69
C LYS B 94 21.00 5.04 3.85
N TRP B 95 20.57 6.14 4.45
CA TRP B 95 19.92 7.19 3.67
C TRP B 95 20.96 7.87 2.79
N ASP B 96 20.59 8.03 1.52
CA ASP B 96 21.46 8.63 0.52
C ASP B 96 20.67 9.75 -0.13
N ARG B 97 21.13 10.99 0.01
CA ARG B 97 20.37 12.12 -0.51
C ARG B 97 20.19 12.06 -2.03
N ASP B 98 20.95 11.19 -2.70
CA ASP B 98 20.80 11.02 -4.14
C ASP B 98 19.70 10.03 -4.52
N MET B 99 19.07 9.40 -3.54
CA MET B 99 18.01 8.43 -3.81
C MET B 99 16.79 8.62 -2.91
N GLY C 1 -23.10 1.48 7.21
CA GLY C 1 -21.67 1.70 7.12
C GLY C 1 -21.10 1.17 5.83
N SER C 2 -19.79 1.37 5.63
CA SER C 2 -19.13 0.89 4.43
C SER C 2 -18.64 -0.54 4.59
N HIS C 3 -18.41 -0.95 5.84
CA HIS C 3 -17.94 -2.29 6.13
C HIS C 3 -18.94 -3.35 5.67
N LEU C 4 -18.46 -4.34 4.93
CA LEU C 4 -19.31 -5.41 4.42
C LEU C 4 -20.05 -6.11 5.55
N GLU C 5 -21.37 -6.13 5.47
CA GLU C 5 -22.20 -6.78 6.49
C GLU C 5 -22.21 -8.29 6.30
N VAL C 6 -22.24 -8.73 5.05
CA VAL C 6 -22.25 -10.16 4.73
C VAL C 6 -20.91 -10.80 5.08
N GLN C 7 -20.97 -11.94 5.77
CA GLN C 7 -19.77 -12.66 6.16
C GLN C 7 -19.56 -13.90 5.31
N GLY C 8 -18.40 -13.98 4.67
CA GLY C 8 -18.08 -15.12 3.82
C GLY C 8 -17.19 -16.13 4.53
N TYR C 9 -17.81 -17.20 5.01
CA TYR C 9 -17.08 -18.25 5.72
C TYR C 9 -16.49 -19.26 4.74
N TRP C 10 -15.24 -19.64 4.97
CA TRP C 10 -14.58 -20.62 4.13
C TRP C 10 -15.14 -22.01 4.37
#